data_8CU7
#
_entry.id   8CU7
#
_cell.length_a   39.456
_cell.length_b   179.580
_cell.length_c   140.873
_cell.angle_alpha   90.000
_cell.angle_beta   90.000
_cell.angle_gamma   90.000
#
_symmetry.space_group_name_H-M   'C 2 2 21'
#
loop_
_entity.id
_entity.type
_entity.pdbx_description
1 polymer 'Adenosine receptor A2a,Soluble cytochrome b562'
2 non-polymer DI(HYDROXYETHYL)ETHER
3 non-polymer (2R,3R,4R)-2-[(8P)-6-amino-2-(hex-1-yn-1-yl)-8-(thiophen-2-yl)-9H-purin-9-yl]oxolane-3,4-diol
4 non-polymer 'SODIUM ION'
5 non-polymer '(2R)-2,3-dihydroxypropyl (9Z)-octadec-9-enoate'
6 non-polymer 'OLEIC ACID'
7 non-polymer CHOLESTEROL
8 non-polymer TRIFLUOROETHANOL
9 water water
#
_entity_poly.entity_id   1
_entity_poly.type   'polypeptide(L)'
_entity_poly.pdbx_seq_one_letter_code
;MKTIIALSYIFCLVFADYKDDDDGAPPIMGSSVYITVELAIAVLAILGNVLVCWAVWLNSNLQNVTNYFVVSLAAADILV
GVLAIPFAITISTGFCAACHGCLFIACFVLVLAQSSIFSLLAIAIDRYIAIAIPLRYNGLVTGTRAAGIIAICWVLSFAI
GLTPMLGWNNCGQPKEGKAHSQGCGEGQVACLFEDVVPMNYMVYFNFFACVLVPLLLMLGVYLRIFAAARRQLADLEDNW
ETLNDNLKVIEKADNAAQVKDALTKMRAAALDAQKATPPKLEDKSPDSPEMKDFRHGFDILVGQIDDALKLANEGKVKEA
QAAAEQLKTTRNAYIQKYLERARSTLQKEVHAAKSAAIIAGLFALCWLPLHIINCFTFFCPDCSHAPLWLMYLAIVLAHT
NSVVNPFIYAYRIREFRQTFRKIIRSHVLRQQEPFKAHHHHHHHHHH
;
_entity_poly.pdbx_strand_id   A
#
# COMPACT_ATOMS: atom_id res chain seq x y z
N ASP A 22 45.73 14.73 -7.83
CA ASP A 22 44.80 15.49 -6.95
C ASP A 22 44.43 16.83 -7.56
N ASP A 23 43.52 16.80 -8.55
CA ASP A 23 42.95 18.01 -9.13
C ASP A 23 41.50 18.21 -8.72
N GLY A 24 40.88 17.26 -8.02
CA GLY A 24 39.55 17.42 -7.49
C GLY A 24 39.56 17.75 -6.01
N ALA A 25 38.44 18.28 -5.53
CA ALA A 25 38.36 18.71 -4.15
C ALA A 25 38.67 17.55 -3.21
N PRO A 26 39.19 17.83 -2.02
CA PRO A 26 39.42 16.77 -1.04
C PRO A 26 38.16 15.96 -0.79
N PRO A 27 38.24 14.63 -0.79
CA PRO A 27 37.02 13.83 -0.65
C PRO A 27 36.21 14.12 0.60
N ILE A 28 36.87 14.54 1.69
CA ILE A 28 36.14 14.75 2.94
C ILE A 28 35.11 15.86 2.78
N MET A 29 35.35 16.81 1.88
CA MET A 29 34.41 17.91 1.69
C MET A 29 33.08 17.40 1.13
N GLY A 30 33.15 16.65 0.02
CA GLY A 30 31.93 16.06 -0.52
C GLY A 30 31.34 15.01 0.40
N SER A 31 32.20 14.26 1.09
CA SER A 31 31.70 13.30 2.07
C SER A 31 30.93 14.00 3.18
N SER A 32 31.39 15.17 3.61
CA SER A 32 30.73 15.87 4.71
C SER A 32 29.30 16.26 4.33
N VAL A 33 29.10 16.70 3.09
CA VAL A 33 27.76 17.05 2.64
C VAL A 33 26.87 15.81 2.59
N TYR A 34 27.38 14.74 1.98
CA TYR A 34 26.61 13.50 1.91
C TYR A 34 26.27 12.99 3.31
N ILE A 35 27.25 12.95 4.20
CA ILE A 35 27.02 12.42 5.54
C ILE A 35 26.05 13.30 6.31
N THR A 36 26.19 14.62 6.20
CA THR A 36 25.27 15.51 6.91
C THR A 36 23.84 15.31 6.43
N VAL A 37 23.64 15.15 5.12
CA VAL A 37 22.30 14.94 4.59
C VAL A 37 21.75 13.59 5.06
N GLU A 38 22.59 12.55 5.04
CA GLU A 38 22.15 11.24 5.51
C GLU A 38 21.68 11.30 6.95
N LEU A 39 22.43 12.03 7.80
CA LEU A 39 22.05 12.11 9.21
C LEU A 39 20.76 12.88 9.39
N ALA A 40 20.56 13.94 8.61
CA ALA A 40 19.28 14.64 8.63
C ALA A 40 18.13 13.70 8.25
N ILE A 41 18.33 12.87 7.23
CA ILE A 41 17.29 11.94 6.81
C ILE A 41 17.04 10.91 7.91
N ALA A 42 18.12 10.46 8.57
CA ALA A 42 17.97 9.45 9.62
C ALA A 42 17.09 9.96 10.76
N VAL A 43 17.37 11.17 11.24
N VAL A 43 17.34 11.18 11.22
CA VAL A 43 16.57 11.74 12.32
CA VAL A 43 16.56 11.70 12.34
C VAL A 43 15.12 11.83 11.91
C VAL A 43 15.11 11.90 11.94
N LEU A 44 14.86 12.36 10.70
CA LEU A 44 13.49 12.54 10.25
C LEU A 44 12.79 11.20 10.08
N ALA A 45 13.50 10.19 9.58
CA ALA A 45 12.90 8.88 9.41
C ALA A 45 12.48 8.29 10.75
N ILE A 46 13.33 8.44 11.78
CA ILE A 46 13.01 7.88 13.09
C ILE A 46 11.85 8.63 13.72
N LEU A 47 11.91 9.97 13.71
CA LEU A 47 10.86 10.76 14.35
C LEU A 47 9.50 10.46 13.76
N GLY A 48 9.38 10.55 12.43
CA GLY A 48 8.07 10.41 11.81
C GLY A 48 7.50 9.03 11.97
N ASN A 49 8.33 7.99 11.85
CA ASN A 49 7.82 6.63 11.91
C ASN A 49 7.64 6.15 13.34
N VAL A 50 8.38 6.70 14.29
CA VAL A 50 8.04 6.46 15.70
C VAL A 50 6.66 7.04 15.99
N LEU A 51 6.35 8.20 15.40
CA LEU A 51 5.02 8.80 15.57
C LEU A 51 3.94 7.88 15.02
N VAL A 52 4.18 7.27 13.85
CA VAL A 52 3.21 6.36 13.28
C VAL A 52 2.95 5.19 14.23
N CYS A 53 4.02 4.58 14.73
CA CYS A 53 3.87 3.44 15.64
C CYS A 53 3.17 3.87 16.92
N TRP A 54 3.51 5.05 17.43
CA TRP A 54 2.89 5.54 18.65
C TRP A 54 1.39 5.76 18.45
N ALA A 55 1.02 6.24 17.27
CA ALA A 55 -0.39 6.53 16.99
C ALA A 55 -1.22 5.24 16.94
N VAL A 56 -0.71 4.20 16.28
CA VAL A 56 -1.47 2.96 16.21
C VAL A 56 -1.57 2.32 17.58
N TRP A 57 -0.51 2.39 18.37
CA TRP A 57 -0.54 1.80 19.71
C TRP A 57 -1.55 2.50 20.62
N LEU A 58 -1.73 3.81 20.45
CA LEU A 58 -2.60 4.57 21.33
C LEU A 58 -4.06 4.56 20.89
N ASN A 59 -4.33 4.68 19.60
CA ASN A 59 -5.69 4.83 19.09
C ASN A 59 -6.23 3.49 18.62
N SER A 60 -7.27 2.99 19.30
CA SER A 60 -7.88 1.73 18.90
C SER A 60 -8.58 1.83 17.55
N ASN A 61 -9.00 3.05 17.16
CA ASN A 61 -9.59 3.23 15.84
C ASN A 61 -8.57 3.01 14.72
N LEU A 62 -7.28 3.04 15.03
CA LEU A 62 -6.23 2.76 14.05
C LEU A 62 -5.75 1.32 14.13
N GLN A 63 -6.28 0.51 15.04
CA GLN A 63 -5.81 -0.86 15.25
C GLN A 63 -6.64 -1.79 14.37
N ASN A 64 -6.15 -2.01 13.16
CA ASN A 64 -6.75 -2.95 12.22
C ASN A 64 -5.63 -3.61 11.43
N VAL A 65 -5.99 -4.64 10.66
CA VAL A 65 -4.99 -5.43 9.95
C VAL A 65 -4.21 -4.56 8.97
N THR A 66 -4.91 -3.70 8.23
CA THR A 66 -4.21 -2.84 7.28
C THR A 66 -3.10 -2.07 7.97
N ASN A 67 -3.38 -1.51 9.15
CA ASN A 67 -2.40 -0.68 9.83
C ASN A 67 -1.33 -1.47 10.56
N TYR A 68 -1.51 -2.78 10.75
CA TYR A 68 -0.43 -3.59 11.28
C TYR A 68 0.70 -3.73 10.26
N PHE A 69 0.36 -3.80 8.98
CA PHE A 69 1.38 -3.76 7.94
C PHE A 69 1.99 -2.36 7.81
N VAL A 70 1.21 -1.32 8.14
CA VAL A 70 1.77 0.03 8.19
C VAL A 70 2.84 0.11 9.27
N VAL A 71 2.58 -0.49 10.43
CA VAL A 71 3.57 -0.48 11.50
C VAL A 71 4.82 -1.27 11.10
N SER A 72 4.62 -2.43 10.47
CA SER A 72 5.76 -3.19 9.96
C SER A 72 6.56 -2.35 8.96
N LEU A 73 5.86 -1.62 8.11
CA LEU A 73 6.54 -0.72 7.17
C LEU A 73 7.28 0.38 7.91
N ALA A 74 6.65 0.95 8.95
CA ALA A 74 7.31 2.01 9.71
C ALA A 74 8.52 1.46 10.48
N ALA A 75 8.41 0.23 10.98
CA ALA A 75 9.55 -0.38 11.67
C ALA A 75 10.75 -0.50 10.74
N ALA A 76 10.51 -0.92 9.50
CA ALA A 76 11.60 -1.00 8.53
C ALA A 76 12.23 0.38 8.30
N ASP A 77 11.41 1.43 8.27
CA ASP A 77 11.94 2.76 8.03
C ASP A 77 12.68 3.29 9.26
N ILE A 78 12.23 2.95 10.46
CA ILE A 78 13.00 3.29 11.66
C ILE A 78 14.38 2.65 11.58
N LEU A 79 14.45 1.38 11.17
CA LEU A 79 15.73 0.70 11.06
C LEU A 79 16.60 1.27 9.94
N VAL A 80 16.00 1.92 8.94
CA VAL A 80 16.81 2.59 7.94
C VAL A 80 17.60 3.73 8.59
N GLY A 81 16.95 4.49 9.46
CA GLY A 81 17.65 5.59 10.12
C GLY A 81 18.62 5.10 11.18
N VAL A 82 18.27 4.04 11.89
CA VAL A 82 19.09 3.58 13.01
C VAL A 82 20.28 2.76 12.52
N LEU A 83 20.11 1.95 11.47
CA LEU A 83 21.14 1.02 11.04
C LEU A 83 21.58 1.23 9.60
N ALA A 84 20.64 1.28 8.65
CA ALA A 84 21.02 1.29 7.24
C ALA A 84 21.81 2.53 6.88
N ILE A 85 21.42 3.68 7.42
CA ILE A 85 22.08 4.94 7.05
C ILE A 85 23.46 4.99 7.69
N PRO A 86 23.61 4.70 8.98
CA PRO A 86 24.98 4.53 9.52
C PRO A 86 25.81 3.54 8.74
N PHE A 87 25.24 2.42 8.31
CA PHE A 87 25.97 1.48 7.46
C PHE A 87 26.38 2.14 6.15
N ALA A 88 25.46 2.86 5.51
CA ALA A 88 25.79 3.53 4.26
C ALA A 88 26.89 4.56 4.45
N ILE A 89 26.81 5.35 5.51
CA ILE A 89 27.88 6.30 5.81
C ILE A 89 29.20 5.57 5.96
N THR A 90 29.21 4.44 6.67
CA THR A 90 30.43 3.67 6.86
C THR A 90 30.95 3.15 5.53
N ILE A 91 30.07 2.65 4.67
CA ILE A 91 30.49 2.14 3.37
C ILE A 91 31.16 3.22 2.54
N SER A 92 30.67 4.46 2.64
CA SER A 92 31.18 5.53 1.79
C SER A 92 32.65 5.85 2.07
N THR A 93 33.18 5.41 3.21
CA THR A 93 34.57 5.70 3.54
C THR A 93 35.54 4.69 2.90
N GLY A 94 35.06 3.52 2.52
CA GLY A 94 35.95 2.51 1.97
C GLY A 94 36.92 1.93 2.98
N PHE A 95 36.54 1.95 4.26
CA PHE A 95 37.44 1.49 5.32
C PHE A 95 37.78 0.02 5.14
N CYS A 96 38.95 -0.36 5.64
CA CYS A 96 39.38 -1.76 5.60
C CYS A 96 38.49 -2.60 6.50
N ALA A 97 38.09 -3.77 6.00
CA ALA A 97 37.18 -4.63 6.75
C ALA A 97 37.27 -6.05 6.20
N ALA A 98 36.99 -7.01 7.07
CA ALA A 98 36.79 -8.38 6.63
C ALA A 98 35.66 -8.41 5.60
N CYS A 99 35.87 -9.13 4.51
CA CYS A 99 34.97 -9.00 3.36
C CYS A 99 33.54 -9.35 3.72
N HIS A 100 33.34 -10.43 4.50
CA HIS A 100 31.98 -10.84 4.83
C HIS A 100 31.33 -9.90 5.83
N GLY A 101 32.13 -9.25 6.68
CA GLY A 101 31.58 -8.19 7.52
C GLY A 101 31.15 -7.00 6.69
N CYS A 102 32.00 -6.58 5.75
CA CYS A 102 31.60 -5.56 4.80
C CYS A 102 30.34 -5.95 4.05
N LEU A 103 30.25 -7.22 3.66
CA LEU A 103 29.08 -7.70 2.92
C LEU A 103 27.81 -7.52 3.73
N PHE A 104 27.86 -7.78 5.04
CA PHE A 104 26.65 -7.72 5.85
C PHE A 104 26.09 -6.30 5.89
N ILE A 105 26.94 -5.31 6.21
CA ILE A 105 26.45 -3.94 6.30
C ILE A 105 26.05 -3.40 4.93
N ALA A 106 26.61 -3.96 3.85
CA ALA A 106 26.17 -3.56 2.52
C ALA A 106 24.80 -4.13 2.18
N CYS A 107 24.50 -5.34 2.65
CA CYS A 107 23.27 -6.02 2.27
C CYS A 107 22.11 -5.76 3.22
N PHE A 108 22.35 -5.22 4.41
CA PHE A 108 21.27 -5.14 5.40
C PHE A 108 20.12 -4.28 4.88
N VAL A 109 20.42 -3.21 4.14
CA VAL A 109 19.35 -2.36 3.61
C VAL A 109 18.49 -3.15 2.62
N LEU A 110 19.08 -4.16 1.96
CA LEU A 110 18.28 -5.02 1.09
C LEU A 110 17.20 -5.73 1.89
N VAL A 111 17.52 -6.13 3.13
CA VAL A 111 16.53 -6.76 3.99
C VAL A 111 15.38 -5.81 4.25
N LEU A 112 15.71 -4.55 4.59
CA LEU A 112 14.67 -3.58 4.93
C LEU A 112 13.84 -3.22 3.70
N ALA A 113 14.48 -3.11 2.54
CA ALA A 113 13.72 -2.82 1.32
C ALA A 113 12.78 -3.98 0.99
N GLN A 114 13.24 -5.22 1.19
CA GLN A 114 12.38 -6.36 0.88
C GLN A 114 11.20 -6.43 1.83
N SER A 115 11.44 -6.17 3.12
CA SER A 115 10.34 -6.11 4.08
C SER A 115 9.32 -5.06 3.65
N SER A 116 9.79 -3.89 3.23
CA SER A 116 8.88 -2.86 2.74
C SER A 116 8.03 -3.37 1.58
N ILE A 117 8.66 -4.09 0.66
CA ILE A 117 7.92 -4.63 -0.49
C ILE A 117 6.83 -5.57 -0.02
N PHE A 118 7.17 -6.51 0.87
CA PHE A 118 6.17 -7.45 1.38
C PHE A 118 5.03 -6.71 2.08
N SER A 119 5.36 -5.73 2.93
CA SER A 119 4.33 -4.96 3.60
C SER A 119 3.44 -4.22 2.59
N LEU A 120 4.05 -3.60 1.58
CA LEU A 120 3.26 -2.90 0.57
C LEU A 120 2.36 -3.86 -0.17
N LEU A 121 2.87 -5.03 -0.53
CA LEU A 121 2.05 -6.00 -1.25
C LEU A 121 0.91 -6.50 -0.39
N ALA A 122 1.17 -6.74 0.90
CA ALA A 122 0.11 -7.18 1.81
C ALA A 122 -0.99 -6.14 1.91
N ILE A 123 -0.62 -4.86 1.94
CA ILE A 123 -1.61 -3.79 2.07
C ILE A 123 -2.51 -3.76 0.83
N ALA A 124 -1.92 -3.88 -0.36
CA ALA A 124 -2.70 -3.90 -1.58
C ALA A 124 -3.67 -5.09 -1.57
N ILE A 125 -3.16 -6.28 -1.24
CA ILE A 125 -4.01 -7.46 -1.21
C ILE A 125 -5.12 -7.31 -0.17
N ASP A 126 -4.79 -6.75 0.99
CA ASP A 126 -5.79 -6.53 2.03
C ASP A 126 -6.92 -5.63 1.53
N ARG A 127 -6.57 -4.55 0.82
CA ARG A 127 -7.60 -3.65 0.33
C ARG A 127 -8.42 -4.30 -0.79
N TYR A 128 -7.82 -5.23 -1.54
CA TYR A 128 -8.58 -5.95 -2.55
C TYR A 128 -9.59 -6.89 -1.93
N ILE A 129 -9.19 -7.63 -0.89
CA ILE A 129 -10.12 -8.51 -0.20
C ILE A 129 -11.28 -7.70 0.38
N ALA A 130 -10.99 -6.52 0.90
CA ALA A 130 -12.03 -5.71 1.53
C ALA A 130 -13.06 -5.24 0.50
N ILE A 131 -12.62 -4.89 -0.71
CA ILE A 131 -13.53 -4.40 -1.72
C ILE A 131 -14.19 -5.55 -2.50
N ALA A 132 -13.48 -6.66 -2.68
CA ALA A 132 -13.99 -7.74 -3.52
C ALA A 132 -14.94 -8.66 -2.76
N ILE A 133 -14.61 -8.98 -1.51
CA ILE A 133 -15.44 -9.87 -0.71
C ILE A 133 -15.58 -9.29 0.70
N PRO A 134 -16.28 -8.15 0.85
CA PRO A 134 -16.39 -7.56 2.19
C PRO A 134 -17.15 -8.41 3.19
N LEU A 135 -18.10 -9.23 2.73
CA LEU A 135 -18.94 -9.98 3.66
C LEU A 135 -18.13 -11.03 4.42
N ARG A 136 -17.03 -11.51 3.86
CA ARG A 136 -16.18 -12.50 4.51
C ARG A 136 -14.75 -11.97 4.70
N TYR A 137 -14.61 -10.66 4.82
CA TYR A 137 -13.29 -10.07 5.05
C TYR A 137 -12.85 -10.23 6.51
N ASN A 138 -13.73 -9.86 7.45
CA ASN A 138 -13.36 -9.91 8.86
C ASN A 138 -13.10 -11.33 9.32
N GLY A 139 -13.80 -12.31 8.74
CA GLY A 139 -13.54 -13.70 9.07
C GLY A 139 -12.32 -14.28 8.42
N LEU A 140 -11.89 -13.70 7.30
CA LEU A 140 -10.72 -14.19 6.57
C LEU A 140 -9.44 -13.48 6.99
N VAL A 141 -9.49 -12.17 7.14
CA VAL A 141 -8.33 -11.35 7.47
C VAL A 141 -8.44 -10.96 8.93
N THR A 142 -7.64 -11.59 9.79
CA THR A 142 -7.66 -11.36 11.22
C THR A 142 -6.30 -10.85 11.69
N GLY A 143 -6.29 -10.25 12.88
CA GLY A 143 -5.06 -9.72 13.43
C GLY A 143 -4.04 -10.80 13.73
N THR A 144 -4.49 -11.93 14.28
CA THR A 144 -3.58 -13.03 14.58
C THR A 144 -2.92 -13.56 13.31
N ARG A 145 -3.70 -13.70 12.23
CA ARG A 145 -3.12 -14.13 10.97
C ARG A 145 -2.18 -13.08 10.40
N ALA A 146 -2.50 -11.79 10.59
CA ALA A 146 -1.64 -10.73 10.09
C ALA A 146 -0.29 -10.75 10.80
N ALA A 147 -0.28 -10.93 12.12
CA ALA A 147 0.97 -10.97 12.86
C ALA A 147 1.85 -12.13 12.40
N GLY A 148 1.24 -13.27 12.09
CA GLY A 148 2.00 -14.40 11.58
C GLY A 148 2.57 -14.14 10.20
N ILE A 149 1.77 -13.50 9.33
CA ILE A 149 2.26 -13.15 8.01
C ILE A 149 3.43 -12.17 8.12
N ILE A 150 3.31 -11.18 8.99
CA ILE A 150 4.39 -10.20 9.17
C ILE A 150 5.67 -10.89 9.60
N ALA A 151 5.57 -11.86 10.51
CA ALA A 151 6.75 -12.57 10.98
C ALA A 151 7.40 -13.36 9.85
N ILE A 152 6.59 -14.06 9.05
CA ILE A 152 7.12 -14.83 7.93
C ILE A 152 7.81 -13.91 6.93
N CYS A 153 7.19 -12.77 6.62
CA CYS A 153 7.77 -11.87 5.63
C CYS A 153 9.11 -11.31 6.10
N TRP A 154 9.24 -11.03 7.41
CA TRP A 154 10.53 -10.56 7.92
C TRP A 154 11.59 -11.64 7.79
N VAL A 155 11.24 -12.89 8.05
CA VAL A 155 12.19 -13.98 7.87
C VAL A 155 12.60 -14.08 6.41
N LEU A 156 11.63 -14.04 5.50
CA LEU A 156 11.95 -14.08 4.07
C LEU A 156 12.78 -12.88 3.65
N SER A 157 12.55 -11.72 4.26
CA SER A 157 13.33 -10.54 3.90
C SER A 157 14.80 -10.71 4.26
N PHE A 158 15.07 -11.30 5.42
CA PHE A 158 16.47 -11.57 5.79
C PHE A 158 17.08 -12.60 4.84
N ALA A 159 16.33 -13.64 4.46
CA ALA A 159 16.87 -14.65 3.56
C ALA A 159 17.15 -14.07 2.18
N ILE A 160 16.23 -13.26 1.64
CA ILE A 160 16.44 -12.66 0.32
C ILE A 160 17.55 -11.61 0.38
N GLY A 161 17.48 -10.73 1.38
CA GLY A 161 18.43 -9.62 1.43
C GLY A 161 19.85 -10.05 1.71
N LEU A 162 20.03 -11.13 2.48
CA LEU A 162 21.36 -11.61 2.82
C LEU A 162 21.80 -12.80 1.97
N THR A 163 21.12 -13.05 0.87
CA THR A 163 21.54 -14.13 -0.04
C THR A 163 23.01 -14.04 -0.41
N PRO A 164 23.59 -12.86 -0.70
CA PRO A 164 25.03 -12.80 -0.98
C PRO A 164 25.89 -13.41 0.11
N MET A 165 25.43 -13.37 1.36
N MET A 165 25.45 -13.37 1.37
CA MET A 165 26.20 -13.96 2.45
CA MET A 165 26.24 -13.96 2.44
C MET A 165 26.36 -15.47 2.25
C MET A 165 26.26 -15.48 2.37
N LEU A 166 25.42 -16.09 1.53
CA LEU A 166 25.44 -17.54 1.32
C LEU A 166 26.42 -17.96 0.23
N GLY A 167 27.13 -17.02 -0.39
CA GLY A 167 28.16 -17.37 -1.35
C GLY A 167 28.10 -16.58 -2.65
N TRP A 168 26.97 -15.92 -2.91
CA TRP A 168 26.83 -15.10 -4.11
C TRP A 168 27.39 -13.71 -3.85
N ASN A 169 28.71 -13.65 -3.78
CA ASN A 169 29.43 -12.42 -3.48
C ASN A 169 30.76 -12.43 -4.22
N ASN A 170 31.47 -11.30 -4.14
CA ASN A 170 32.77 -11.15 -4.79
C ASN A 170 33.92 -11.30 -3.79
N CYS A 171 33.66 -11.82 -2.60
CA CYS A 171 34.73 -11.98 -1.61
C CYS A 171 35.78 -12.98 -2.06
N GLY A 172 35.46 -13.86 -3.01
CA GLY A 172 36.45 -14.78 -3.52
C GLY A 172 37.46 -14.13 -4.45
N GLN A 173 37.16 -12.96 -5.00
CA GLN A 173 38.04 -12.24 -5.91
C GLN A 173 38.24 -10.82 -5.38
N PRO A 174 38.93 -10.67 -4.25
CA PRO A 174 39.14 -9.34 -3.69
C PRO A 174 40.07 -8.50 -4.54
N LYS A 175 39.81 -7.19 -4.57
CA LYS A 175 40.67 -6.24 -5.25
C LYS A 175 41.88 -5.97 -4.36
N GLU A 176 42.93 -6.77 -4.55
CA GLU A 176 44.11 -6.67 -3.70
C GLU A 176 44.86 -5.35 -3.91
N GLY A 177 44.85 -4.83 -5.14
CA GLY A 177 45.51 -3.56 -5.38
C GLY A 177 44.90 -2.44 -4.55
N LYS A 178 43.58 -2.35 -4.55
CA LYS A 178 42.90 -1.34 -3.74
C LYS A 178 43.11 -1.59 -2.25
N ALA A 179 43.15 -2.87 -1.84
CA ALA A 179 43.36 -3.19 -0.44
C ALA A 179 44.76 -2.81 0.01
N HIS A 180 45.77 -3.14 -0.80
CA HIS A 180 47.14 -2.80 -0.42
C HIS A 180 47.36 -1.29 -0.41
N SER A 181 46.80 -0.58 -1.40
N SER A 181 46.80 -0.58 -1.40
CA SER A 181 46.97 0.87 -1.45
CA SER A 181 46.97 0.87 -1.45
C SER A 181 46.41 1.53 -0.19
C SER A 181 46.41 1.53 -0.20
N GLN A 182 45.33 0.99 0.37
CA GLN A 182 44.75 1.51 1.59
C GLN A 182 45.38 0.92 2.84
N GLY A 183 46.34 0.02 2.68
CA GLY A 183 47.00 -0.57 3.84
C GLY A 183 46.14 -1.52 4.63
N CYS A 184 45.22 -2.23 3.96
CA CYS A 184 44.41 -3.21 4.65
C CYS A 184 45.22 -4.45 4.99
N GLY A 185 44.73 -5.22 5.96
CA GLY A 185 45.40 -6.40 6.45
C GLY A 185 44.97 -7.65 5.71
N GLU A 186 45.40 -8.79 6.25
CA GLU A 186 45.09 -10.09 5.65
C GLU A 186 43.59 -10.37 5.74
N GLY A 187 43.03 -10.86 4.65
CA GLY A 187 41.61 -11.16 4.58
C GLY A 187 40.71 -9.95 4.53
N GLN A 188 41.26 -8.75 4.54
CA GLN A 188 40.46 -7.53 4.51
C GLN A 188 40.43 -6.94 3.12
N VAL A 189 39.40 -6.13 2.87
CA VAL A 189 39.24 -5.42 1.61
C VAL A 189 38.80 -4.00 1.94
N ALA A 190 39.01 -3.10 0.97
CA ALA A 190 38.39 -1.78 1.03
C ALA A 190 36.89 -1.96 0.88
N CYS A 191 36.13 -1.61 1.92
CA CYS A 191 34.71 -1.95 1.97
C CYS A 191 33.94 -0.98 1.07
N LEU A 192 33.56 -1.46 -0.11
CA LEU A 192 32.77 -0.70 -1.06
C LEU A 192 31.66 -1.58 -1.60
N PHE A 193 30.45 -1.01 -1.69
CA PHE A 193 29.27 -1.79 -2.04
C PHE A 193 29.50 -2.61 -3.30
N GLU A 194 29.89 -1.96 -4.40
CA GLU A 194 30.02 -2.64 -5.68
C GLU A 194 31.23 -3.55 -5.76
N ASP A 195 32.12 -3.52 -4.77
CA ASP A 195 33.25 -4.44 -4.73
C ASP A 195 32.91 -5.79 -4.10
N VAL A 196 31.88 -5.87 -3.26
CA VAL A 196 31.54 -7.08 -2.56
C VAL A 196 30.20 -7.65 -3.02
N VAL A 197 29.24 -6.80 -3.38
CA VAL A 197 27.92 -7.25 -3.82
C VAL A 197 27.97 -7.42 -5.34
N PRO A 198 27.72 -8.62 -5.86
CA PRO A 198 27.77 -8.79 -7.33
C PRO A 198 26.64 -8.05 -8.00
N MET A 199 26.94 -7.47 -9.17
CA MET A 199 25.93 -6.66 -9.85
C MET A 199 24.91 -7.51 -10.57
N ASN A 200 25.25 -8.75 -10.95
CA ASN A 200 24.21 -9.62 -11.51
C ASN A 200 23.17 -9.97 -10.44
N TYR A 201 23.60 -10.14 -9.19
CA TYR A 201 22.64 -10.26 -8.11
C TYR A 201 21.76 -9.03 -8.00
N MET A 202 22.38 -7.83 -7.97
CA MET A 202 21.62 -6.62 -7.77
C MET A 202 20.62 -6.36 -8.89
N VAL A 203 20.95 -6.74 -10.13
CA VAL A 203 20.09 -6.43 -11.26
C VAL A 203 19.06 -7.55 -11.46
N TYR A 204 19.54 -8.77 -11.69
CA TYR A 204 18.63 -9.87 -12.01
C TYR A 204 17.83 -10.31 -10.79
N PHE A 205 18.50 -10.51 -9.66
CA PHE A 205 17.86 -11.13 -8.49
C PHE A 205 17.14 -10.09 -7.65
N ASN A 206 17.84 -9.06 -7.19
CA ASN A 206 17.21 -8.08 -6.31
C ASN A 206 16.22 -7.21 -7.09
N PHE A 207 16.67 -6.57 -8.17
CA PHE A 207 15.82 -5.59 -8.85
C PHE A 207 14.69 -6.28 -9.62
N PHE A 208 15.03 -7.08 -10.64
CA PHE A 208 14.01 -7.68 -11.48
C PHE A 208 13.09 -8.59 -10.68
N ALA A 209 13.66 -9.61 -10.03
CA ALA A 209 12.84 -10.65 -9.42
C ALA A 209 12.19 -10.20 -8.12
N CYS A 210 12.94 -9.49 -7.26
CA CYS A 210 12.47 -9.21 -5.91
C CYS A 210 11.85 -7.84 -5.74
N VAL A 211 12.06 -6.92 -6.68
CA VAL A 211 11.54 -5.57 -6.55
C VAL A 211 10.54 -5.27 -7.68
N LEU A 212 11.01 -5.33 -8.92
N LEU A 212 11.02 -5.29 -8.92
CA LEU A 212 10.18 -4.94 -10.05
CA LEU A 212 10.15 -4.94 -10.05
C LEU A 212 8.95 -5.84 -10.18
C LEU A 212 8.93 -5.83 -10.10
N VAL A 213 9.13 -7.16 -10.13
CA VAL A 213 8.01 -8.08 -10.26
C VAL A 213 6.96 -7.84 -9.17
N PRO A 214 7.31 -7.80 -7.88
CA PRO A 214 6.28 -7.48 -6.88
C PRO A 214 5.61 -6.14 -7.10
N LEU A 215 6.36 -5.12 -7.51
CA LEU A 215 5.77 -3.81 -7.76
C LEU A 215 4.78 -3.87 -8.92
N LEU A 216 5.10 -4.67 -9.94
CA LEU A 216 4.15 -4.83 -11.05
C LEU A 216 2.92 -5.61 -10.60
N LEU A 217 3.09 -6.58 -9.70
CA LEU A 217 1.94 -7.28 -9.14
C LEU A 217 1.06 -6.33 -8.35
N MET A 218 1.65 -5.44 -7.56
CA MET A 218 0.87 -4.44 -6.85
C MET A 218 0.06 -3.59 -7.83
N LEU A 219 0.71 -3.16 -8.91
CA LEU A 219 0.00 -2.40 -9.93
C LEU A 219 -1.24 -3.16 -10.41
N GLY A 220 -1.07 -4.45 -10.69
CA GLY A 220 -2.21 -5.25 -11.11
C GLY A 220 -3.30 -5.33 -10.06
N VAL A 221 -2.90 -5.43 -8.78
CA VAL A 221 -3.89 -5.52 -7.70
C VAL A 221 -4.68 -4.22 -7.61
N TYR A 222 -3.98 -3.08 -7.64
CA TYR A 222 -4.67 -1.80 -7.55
C TYR A 222 -5.56 -1.56 -8.76
N LEU A 223 -5.15 -2.02 -9.95
CA LEU A 223 -6.03 -1.95 -11.10
C LEU A 223 -7.30 -2.75 -10.87
N ARG A 224 -7.18 -3.93 -10.25
CA ARG A 224 -8.36 -4.72 -9.92
C ARG A 224 -9.19 -4.07 -8.82
N ILE A 225 -8.55 -3.33 -7.91
CA ILE A 225 -9.29 -2.67 -6.84
C ILE A 225 -10.16 -1.54 -7.40
N PHE A 226 -9.55 -0.67 -8.21
CA PHE A 226 -10.29 0.47 -8.74
C PHE A 226 -11.33 0.02 -9.77
N ALA A 227 -11.02 -1.01 -10.55
CA ALA A 227 -12.03 -1.55 -11.46
C ALA A 227 -13.20 -2.13 -10.69
N ALA A 228 -12.92 -2.87 -9.62
CA ALA A 228 -14.00 -3.42 -8.80
C ALA A 228 -14.84 -2.32 -8.19
N ALA A 229 -14.19 -1.26 -7.67
CA ALA A 229 -14.94 -0.16 -7.08
C ALA A 229 -15.78 0.56 -8.14
N ARG A 230 -15.21 0.78 -9.32
CA ARG A 230 -15.97 1.39 -10.41
C ARG A 230 -17.21 0.56 -10.74
N ARG A 231 -17.03 -0.76 -10.84
CA ARG A 231 -18.14 -1.63 -11.21
C ARG A 231 -19.24 -1.60 -10.16
N GLN A 232 -18.87 -1.61 -8.88
CA GLN A 232 -19.87 -1.64 -7.82
C GLN A 232 -20.60 -0.31 -7.69
N LEU A 233 -19.92 0.81 -7.94
CA LEU A 233 -20.61 2.10 -7.91
C LEU A 233 -21.58 2.21 -9.08
N ALA A 234 -21.20 1.68 -10.25
CA ALA A 234 -22.11 1.70 -11.39
C ALA A 234 -23.32 0.81 -11.15
N ASP A 235 -23.11 -0.37 -10.58
CA ASP A 235 -24.24 -1.27 -10.29
C ASP A 235 -25.22 -0.62 -9.34
N LEU A 236 -24.72 0.02 -8.27
CA LEU A 236 -25.60 0.73 -7.35
C LEU A 236 -26.46 1.75 -8.08
N GLU A 237 -25.84 2.55 -8.96
CA GLU A 237 -26.57 3.56 -9.70
C GLU A 237 -27.55 2.93 -10.70
N ASP A 238 -27.30 1.69 -11.12
CA ASP A 238 -28.24 1.03 -12.04
C ASP A 238 -29.47 0.52 -11.29
N ASN A 239 -29.28 -0.08 -10.12
CA ASN A 239 -30.44 -0.52 -9.33
C ASN A 239 -31.33 0.66 -8.97
N TRP A 240 -30.72 1.78 -8.55
CA TRP A 240 -31.50 2.98 -8.26
C TRP A 240 -32.26 3.47 -9.48
N GLU A 241 -31.68 3.30 -10.68
CA GLU A 241 -32.38 3.68 -11.90
C GLU A 241 -33.47 2.68 -12.25
N THR A 242 -33.21 1.38 -12.01
CA THR A 242 -34.21 0.36 -12.31
C THR A 242 -35.45 0.55 -11.44
N LEU A 243 -35.25 0.85 -10.15
N LEU A 243 -35.27 0.88 -10.15
CA LEU A 243 -36.38 1.07 -9.26
CA LEU A 243 -36.40 1.05 -9.26
C LEU A 243 -37.24 2.23 -9.73
C LEU A 243 -37.25 2.25 -9.67
N ASN A 244 -36.60 3.35 -10.07
CA ASN A 244 -37.35 4.53 -10.48
C ASN A 244 -37.98 4.36 -11.86
N ASP A 245 -37.25 3.74 -12.79
CA ASP A 245 -37.80 3.53 -14.13
C ASP A 245 -39.03 2.64 -14.09
N ASN A 246 -38.95 1.53 -13.37
CA ASN A 246 -40.08 0.61 -13.31
C ASN A 246 -41.26 1.21 -12.58
N LEU A 247 -41.00 2.12 -11.63
CA LEU A 247 -42.10 2.86 -11.01
C LEU A 247 -42.86 3.69 -12.03
N LYS A 248 -42.12 4.36 -12.93
CA LYS A 248 -42.77 5.09 -14.00
C LYS A 248 -43.53 4.16 -14.93
N VAL A 249 -42.97 2.99 -15.22
CA VAL A 249 -43.65 2.02 -16.07
C VAL A 249 -44.99 1.62 -15.46
N ILE A 250 -45.03 1.46 -14.13
CA ILE A 250 -46.28 1.10 -13.47
C ILE A 250 -47.26 2.25 -13.53
N GLU A 251 -46.79 3.48 -13.30
CA GLU A 251 -47.68 4.63 -13.27
C GLU A 251 -48.35 4.85 -14.63
N LYS A 252 -47.62 4.60 -15.71
CA LYS A 252 -48.14 4.79 -17.06
C LYS A 252 -48.63 3.50 -17.70
N ALA A 253 -48.78 2.42 -16.90
CA ALA A 253 -49.23 1.16 -17.45
C ALA A 253 -50.71 1.24 -17.82
N ASP A 254 -51.11 0.40 -18.78
CA ASP A 254 -52.48 0.39 -19.28
C ASP A 254 -53.30 -0.78 -18.74
N ASN A 255 -52.67 -1.94 -18.52
CA ASN A 255 -53.36 -3.13 -18.03
C ASN A 255 -52.59 -3.68 -16.84
N ALA A 256 -53.15 -4.72 -16.23
CA ALA A 256 -52.53 -5.33 -15.06
C ALA A 256 -51.26 -6.09 -15.43
N ALA A 257 -51.22 -6.71 -16.61
CA ALA A 257 -50.06 -7.50 -17.00
C ALA A 257 -48.80 -6.64 -17.04
N GLN A 258 -48.91 -5.43 -17.57
CA GLN A 258 -47.75 -4.54 -17.61
C GLN A 258 -47.29 -4.18 -16.20
N VAL A 259 -48.23 -3.98 -15.28
CA VAL A 259 -47.86 -3.73 -13.89
C VAL A 259 -47.15 -4.94 -13.31
N LYS A 260 -47.66 -6.14 -13.58
CA LYS A 260 -47.02 -7.36 -13.08
C LYS A 260 -45.60 -7.47 -13.60
N ASP A 261 -45.40 -7.24 -14.90
CA ASP A 261 -44.06 -7.36 -15.47
C ASP A 261 -43.08 -6.43 -14.77
N ALA A 262 -43.48 -5.18 -14.55
CA ALA A 262 -42.59 -4.23 -13.88
C ALA A 262 -42.37 -4.63 -12.42
N LEU A 263 -43.42 -5.08 -11.74
CA LEU A 263 -43.27 -5.47 -10.33
C LEU A 263 -42.41 -6.72 -10.19
N THR A 264 -42.52 -7.66 -11.13
CA THR A 264 -41.67 -8.84 -11.08
C THR A 264 -40.19 -8.46 -11.18
N LYS A 265 -39.87 -7.48 -12.01
CA LYS A 265 -38.50 -7.01 -12.11
C LYS A 265 -38.06 -6.36 -10.80
N MET A 266 -38.90 -5.48 -10.24
CA MET A 266 -38.52 -4.76 -9.04
C MET A 266 -38.30 -5.71 -7.86
N ARG A 267 -39.10 -6.77 -7.77
CA ARG A 267 -38.94 -7.72 -6.68
C ARG A 267 -37.57 -8.39 -6.71
N ALA A 268 -37.20 -8.93 -7.87
CA ALA A 268 -35.89 -9.57 -8.00
C ALA A 268 -34.77 -8.59 -7.69
N ALA A 269 -34.91 -7.33 -8.13
CA ALA A 269 -33.88 -6.34 -7.85
C ALA A 269 -33.82 -6.01 -6.36
N ALA A 270 -34.97 -5.92 -5.70
CA ALA A 270 -34.99 -5.62 -4.27
C ALA A 270 -34.31 -6.74 -3.49
N LEU A 271 -34.71 -7.98 -3.72
CA LEU A 271 -34.05 -9.11 -3.06
C LEU A 271 -32.56 -9.15 -3.41
N ASP A 272 -32.21 -8.77 -4.64
CA ASP A 272 -30.79 -8.70 -5.02
C ASP A 272 -30.07 -7.61 -4.24
N ALA A 273 -30.72 -6.46 -4.04
CA ALA A 273 -30.14 -5.39 -3.25
C ALA A 273 -30.12 -5.70 -1.77
N GLN A 274 -30.84 -6.73 -1.32
CA GLN A 274 -30.88 -7.13 0.08
C GLN A 274 -29.75 -8.10 0.44
N LYS A 275 -28.66 -8.10 -0.32
CA LYS A 275 -27.54 -8.99 -0.07
C LYS A 275 -26.22 -8.26 -0.27
N SER A 288 -26.07 -3.02 14.40
CA SER A 288 -26.03 -1.57 14.28
C SER A 288 -27.44 -1.00 14.13
N PRO A 289 -27.68 0.22 14.67
CA PRO A 289 -29.02 0.81 14.54
C PRO A 289 -29.35 1.19 13.11
N GLU A 290 -28.42 1.86 12.44
CA GLU A 290 -28.64 2.25 11.04
C GLU A 290 -28.88 1.03 10.17
N MET A 291 -28.19 -0.08 10.45
CA MET A 291 -28.42 -1.31 9.71
C MET A 291 -29.76 -1.94 10.09
N LYS A 292 -30.19 -1.76 11.34
CA LYS A 292 -31.50 -2.27 11.74
C LYS A 292 -32.62 -1.61 10.94
N ASP A 293 -32.43 -0.34 10.56
CA ASP A 293 -33.42 0.36 9.76
C ASP A 293 -33.31 0.06 8.27
N PHE A 294 -32.12 -0.35 7.81
CA PHE A 294 -31.99 -0.77 6.42
C PHE A 294 -32.61 -2.15 6.19
N ARG A 295 -32.56 -3.03 7.19
CA ARG A 295 -33.24 -4.31 7.08
C ARG A 295 -34.75 -4.12 7.16
N HIS A 296 -35.22 -3.18 7.99
CA HIS A 296 -36.64 -2.88 8.03
C HIS A 296 -37.11 -2.21 6.75
N GLY A 297 -36.24 -1.45 6.09
CA GLY A 297 -36.63 -0.79 4.85
C GLY A 297 -36.88 -1.76 3.72
N PHE A 298 -36.00 -2.77 3.59
CA PHE A 298 -36.20 -3.77 2.53
C PHE A 298 -37.35 -4.69 2.85
N ASP A 299 -37.64 -4.92 4.13
CA ASP A 299 -38.84 -5.69 4.48
C ASP A 299 -40.11 -4.97 4.04
N ILE A 300 -40.12 -3.65 4.19
CA ILE A 300 -41.26 -2.87 3.70
C ILE A 300 -41.29 -2.90 2.17
N LEU A 301 -40.11 -2.83 1.54
CA LEU A 301 -40.06 -2.74 0.08
C LEU A 301 -40.55 -4.02 -0.57
N VAL A 302 -40.00 -5.16 -0.15
CA VAL A 302 -40.44 -6.44 -0.72
C VAL A 302 -41.90 -6.69 -0.38
N GLY A 303 -42.32 -6.33 0.83
CA GLY A 303 -43.72 -6.50 1.20
C GLY A 303 -44.65 -5.65 0.35
N GLN A 304 -44.26 -4.40 0.11
CA GLN A 304 -45.10 -3.53 -0.73
C GLN A 304 -45.10 -4.00 -2.18
N ILE A 305 -44.00 -4.55 -2.67
CA ILE A 305 -43.99 -5.11 -4.02
C ILE A 305 -44.88 -6.34 -4.09
N ASP A 306 -44.85 -7.17 -3.05
CA ASP A 306 -45.71 -8.35 -3.01
C ASP A 306 -47.19 -7.95 -2.98
N ASP A 307 -47.53 -6.94 -2.19
CA ASP A 307 -48.92 -6.49 -2.13
C ASP A 307 -49.40 -6.04 -3.50
N ALA A 308 -48.62 -5.22 -4.19
CA ALA A 308 -49.00 -4.76 -5.51
C ALA A 308 -49.02 -5.90 -6.52
N LEU A 309 -48.12 -6.88 -6.37
CA LEU A 309 -48.06 -7.98 -7.32
C LEU A 309 -49.29 -8.88 -7.20
N LYS A 310 -49.79 -9.08 -5.99
CA LYS A 310 -51.01 -9.86 -5.83
C LYS A 310 -52.20 -9.14 -6.44
N LEU A 311 -52.31 -7.82 -6.21
CA LEU A 311 -53.39 -7.06 -6.82
C LEU A 311 -53.32 -7.12 -8.34
N ALA A 312 -52.12 -7.00 -8.90
CA ALA A 312 -51.97 -7.08 -10.35
C ALA A 312 -52.39 -8.45 -10.88
N ASN A 313 -51.99 -9.52 -10.20
CA ASN A 313 -52.38 -10.85 -10.62
C ASN A 313 -53.89 -11.05 -10.55
N GLU A 314 -54.58 -10.28 -9.71
CA GLU A 314 -56.03 -10.33 -9.63
C GLU A 314 -56.71 -9.43 -10.66
N GLY A 315 -55.93 -8.84 -11.58
CA GLY A 315 -56.50 -7.97 -12.58
C GLY A 315 -56.93 -6.60 -12.10
N LYS A 316 -56.60 -6.23 -10.86
CA LYS A 316 -56.98 -4.94 -10.29
C LYS A 316 -55.87 -3.94 -10.58
N VAL A 317 -55.91 -3.36 -11.78
CA VAL A 317 -54.84 -2.49 -12.25
C VAL A 317 -54.74 -1.24 -11.39
N LYS A 318 -55.88 -0.59 -11.13
CA LYS A 318 -55.86 0.65 -10.36
C LYS A 318 -55.44 0.40 -8.92
N GLU A 319 -55.88 -0.71 -8.32
CA GLU A 319 -55.47 -1.04 -6.97
C GLU A 319 -53.97 -1.31 -6.91
N ALA A 320 -53.41 -1.91 -7.95
CA ALA A 320 -51.99 -2.21 -7.97
C ALA A 320 -51.16 -0.94 -8.11
N GLN A 321 -51.58 -0.03 -8.99
CA GLN A 321 -50.85 1.22 -9.16
C GLN A 321 -50.83 2.03 -7.87
N ALA A 322 -51.99 2.14 -7.20
CA ALA A 322 -52.04 2.87 -5.94
C ALA A 322 -51.12 2.24 -4.90
N ALA A 323 -51.10 0.91 -4.83
CA ALA A 323 -50.21 0.23 -3.89
C ALA A 323 -48.75 0.46 -4.26
N ALA A 324 -48.44 0.47 -5.56
CA ALA A 324 -47.05 0.72 -5.98
C ALA A 324 -46.61 2.12 -5.61
N GLU A 325 -47.53 3.08 -5.58
CA GLU A 325 -47.16 4.45 -5.25
C GLU A 325 -46.64 4.56 -3.83
N GLN A 326 -47.06 3.65 -2.94
CA GLN A 326 -46.55 3.67 -1.57
C GLN A 326 -45.06 3.38 -1.51
N LEU A 327 -44.50 2.78 -2.57
CA LEU A 327 -43.06 2.52 -2.60
C LEU A 327 -42.25 3.80 -2.52
N LYS A 328 -42.81 4.92 -3.03
CA LYS A 328 -42.08 6.18 -2.97
C LYS A 328 -41.82 6.60 -1.53
N THR A 329 -42.77 6.35 -0.64
CA THR A 329 -42.55 6.67 0.78
C THR A 329 -41.39 5.84 1.33
N THR A 330 -41.34 4.55 1.01
CA THR A 330 -40.22 3.73 1.44
C THR A 330 -38.92 4.18 0.77
N ARG A 331 -39.00 4.61 -0.50
CA ARG A 331 -37.82 5.08 -1.20
C ARG A 331 -37.24 6.31 -0.54
N ASN A 332 -38.09 7.25 -0.13
CA ASN A 332 -37.59 8.50 0.44
C ASN A 332 -37.03 8.30 1.84
N ALA A 333 -37.56 7.33 2.59
CA ALA A 333 -37.20 7.17 4.00
C ALA A 333 -36.15 6.10 4.24
N TYR A 334 -35.90 5.21 3.29
CA TYR A 334 -34.97 4.10 3.51
C TYR A 334 -34.04 3.87 2.33
N ILE A 335 -34.61 3.60 1.15
CA ILE A 335 -33.81 3.13 0.03
C ILE A 335 -32.79 4.19 -0.38
N GLN A 336 -33.20 5.45 -0.45
CA GLN A 336 -32.27 6.50 -0.87
C GLN A 336 -31.14 6.65 0.15
N LYS A 337 -31.45 6.54 1.44
CA LYS A 337 -30.42 6.65 2.46
C LYS A 337 -29.45 5.47 2.38
N TYR A 338 -29.96 4.27 2.11
CA TYR A 338 -29.07 3.12 1.92
C TYR A 338 -28.13 3.35 0.75
N LEU A 339 -28.66 3.84 -0.38
CA LEU A 339 -27.81 4.11 -1.55
C LEU A 339 -26.68 5.05 -1.19
N GLU A 340 -26.96 6.10 -0.42
CA GLU A 340 -25.94 7.10 -0.13
C GLU A 340 -24.87 6.57 0.80
N ARG A 341 -25.24 5.69 1.74
CA ARG A 341 -24.23 5.12 2.63
C ARG A 341 -23.38 4.08 1.90
N ALA A 342 -23.99 3.31 1.01
CA ALA A 342 -23.21 2.38 0.19
C ALA A 342 -22.24 3.14 -0.70
N ARG A 343 -22.69 4.25 -1.28
CA ARG A 343 -21.80 5.08 -2.10
C ARG A 343 -20.71 5.73 -1.26
N SER A 344 -21.08 6.25 -0.09
CA SER A 344 -20.09 6.83 0.80
C SER A 344 -19.02 5.82 1.19
N THR A 345 -19.45 4.59 1.51
CA THR A 345 -18.49 3.56 1.91
C THR A 345 -17.55 3.20 0.77
N LEU A 346 -18.09 3.09 -0.45
CA LEU A 346 -17.24 2.78 -1.60
C LEU A 346 -16.24 3.90 -1.86
N GLN A 347 -16.70 5.16 -1.79
CA GLN A 347 -15.80 6.28 -2.03
C GLN A 347 -14.71 6.35 -0.96
N LYS A 348 -15.01 5.95 0.27
CA LYS A 348 -13.99 5.91 1.31
C LYS A 348 -12.97 4.81 1.04
N GLU A 349 -13.41 3.69 0.46
CA GLU A 349 -12.48 2.63 0.11
C GLU A 349 -11.59 3.03 -1.06
N VAL A 350 -12.15 3.76 -2.03
CA VAL A 350 -11.35 4.24 -3.14
C VAL A 350 -10.30 5.23 -2.64
N HIS A 351 -10.68 6.10 -1.71
CA HIS A 351 -9.73 7.05 -1.15
C HIS A 351 -8.61 6.34 -0.40
N ALA A 352 -8.95 5.33 0.39
CA ALA A 352 -7.94 4.59 1.12
C ALA A 352 -7.03 3.81 0.18
N ALA A 353 -7.60 3.22 -0.87
CA ALA A 353 -6.78 2.49 -1.84
C ALA A 353 -5.83 3.42 -2.58
N LYS A 354 -6.24 4.67 -2.83
CA LYS A 354 -5.34 5.63 -3.46
C LYS A 354 -4.21 6.01 -2.53
N SER A 355 -4.50 6.20 -1.25
CA SER A 355 -3.45 6.48 -0.29
C SER A 355 -2.40 5.36 -0.27
N ALA A 356 -2.87 4.11 -0.25
CA ALA A 356 -1.94 2.98 -0.26
C ALA A 356 -1.16 2.93 -1.57
N ALA A 357 -1.82 3.22 -2.69
CA ALA A 357 -1.12 3.21 -3.97
C ALA A 357 -0.08 4.33 -4.04
N ILE A 358 -0.35 5.48 -3.43
CA ILE A 358 0.62 6.57 -3.41
C ILE A 358 1.86 6.14 -2.64
N ILE A 359 1.68 5.41 -1.54
CA ILE A 359 2.81 4.94 -0.75
C ILE A 359 3.68 4.02 -1.59
N ALA A 360 3.06 3.05 -2.28
CA ALA A 360 3.81 2.12 -3.11
C ALA A 360 4.47 2.82 -4.28
N GLY A 361 3.78 3.80 -4.87
CA GLY A 361 4.36 4.52 -5.99
C GLY A 361 5.56 5.36 -5.57
N LEU A 362 5.49 5.97 -4.39
CA LEU A 362 6.63 6.74 -3.90
C LEU A 362 7.82 5.86 -3.58
N PHE A 363 7.57 4.64 -3.11
CA PHE A 363 8.67 3.69 -2.94
C PHE A 363 9.37 3.42 -4.26
N ALA A 364 8.60 3.26 -5.34
CA ALA A 364 9.19 3.01 -6.64
C ALA A 364 9.96 4.22 -7.15
N LEU A 365 9.39 5.42 -6.97
N LEU A 365 9.39 5.42 -6.97
CA LEU A 365 10.04 6.63 -7.44
CA LEU A 365 10.07 6.62 -7.46
C LEU A 365 11.38 6.84 -6.72
C LEU A 365 11.39 6.86 -6.72
N CYS A 366 11.41 6.60 -5.42
CA CYS A 366 12.62 6.87 -4.63
C CYS A 366 13.71 5.85 -4.89
N TRP A 367 13.35 4.60 -5.19
CA TRP A 367 14.34 3.54 -5.36
C TRP A 367 14.71 3.28 -6.82
N LEU A 368 13.85 3.64 -7.77
CA LEU A 368 14.14 3.30 -9.16
C LEU A 368 15.41 3.95 -9.68
N PRO A 369 15.73 5.20 -9.38
CA PRO A 369 16.97 5.78 -9.91
C PRO A 369 18.22 4.97 -9.60
N LEU A 370 18.39 4.55 -8.33
CA LEU A 370 19.56 3.76 -7.98
C LEU A 370 19.54 2.40 -8.68
N HIS A 371 18.35 1.78 -8.79
CA HIS A 371 18.25 0.54 -9.56
C HIS A 371 18.63 0.76 -11.02
N ILE A 372 18.18 1.87 -11.60
CA ILE A 372 18.47 2.14 -13.01
C ILE A 372 19.96 2.39 -13.21
N ILE A 373 20.60 3.06 -12.25
CA ILE A 373 22.05 3.25 -12.33
C ILE A 373 22.77 1.91 -12.32
N ASN A 374 22.37 1.02 -11.42
CA ASN A 374 22.96 -0.32 -11.40
C ASN A 374 22.76 -1.04 -12.72
N CYS A 375 21.62 -0.82 -13.39
CA CYS A 375 21.42 -1.43 -14.70
C CYS A 375 22.40 -0.89 -15.73
N PHE A 376 22.67 0.43 -15.70
CA PHE A 376 23.66 0.98 -16.62
C PHE A 376 25.05 0.45 -16.33
N THR A 377 25.44 0.41 -15.06
CA THR A 377 26.72 -0.18 -14.68
C THR A 377 26.83 -1.60 -15.20
N PHE A 378 25.76 -2.39 -15.07
CA PHE A 378 25.80 -3.81 -15.40
C PHE A 378 25.70 -4.04 -16.91
N PHE A 379 24.71 -3.43 -17.56
CA PHE A 379 24.41 -3.74 -18.96
C PHE A 379 25.25 -2.95 -19.96
N CYS A 380 25.87 -1.85 -19.57
CA CYS A 380 26.66 -1.02 -20.48
C CYS A 380 28.09 -0.90 -19.96
N PRO A 381 28.89 -1.96 -20.10
CA PRO A 381 30.31 -1.85 -19.70
C PRO A 381 31.10 -0.83 -20.50
N ASP A 382 30.57 -0.39 -21.66
CA ASP A 382 31.20 0.67 -22.43
C ASP A 382 30.81 2.07 -21.94
N CYS A 383 29.80 2.16 -21.07
CA CYS A 383 29.42 3.45 -20.50
C CYS A 383 30.30 3.78 -19.32
N SER A 384 30.63 5.06 -19.16
CA SER A 384 31.30 5.51 -17.96
C SER A 384 30.39 5.32 -16.75
N HIS A 385 30.97 4.90 -15.63
CA HIS A 385 30.19 4.73 -14.42
C HIS A 385 29.58 6.06 -13.99
N ALA A 386 28.34 6.00 -13.52
CA ALA A 386 27.71 7.20 -12.98
C ALA A 386 28.64 7.88 -11.99
N PRO A 387 28.77 9.20 -12.03
CA PRO A 387 29.76 9.87 -11.17
C PRO A 387 29.39 9.78 -9.69
N LEU A 388 30.38 10.02 -8.85
CA LEU A 388 30.21 9.86 -7.41
C LEU A 388 29.07 10.73 -6.88
N TRP A 389 28.97 11.97 -7.36
CA TRP A 389 27.94 12.86 -6.83
C TRP A 389 26.54 12.36 -7.18
N LEU A 390 26.39 11.68 -8.33
CA LEU A 390 25.10 11.12 -8.68
C LEU A 390 24.79 9.89 -7.83
N MET A 391 25.80 9.08 -7.52
CA MET A 391 25.61 7.98 -6.59
C MET A 391 25.11 8.49 -5.25
N TYR A 392 25.76 9.53 -4.72
CA TYR A 392 25.30 10.13 -3.48
C TYR A 392 23.85 10.57 -3.59
N LEU A 393 23.50 11.26 -4.69
CA LEU A 393 22.14 11.76 -4.85
C LEU A 393 21.13 10.62 -4.91
N ALA A 394 21.45 9.57 -5.66
CA ALA A 394 20.52 8.45 -5.78
C ALA A 394 20.37 7.71 -4.46
N ILE A 395 21.43 7.63 -3.67
CA ILE A 395 21.35 6.97 -2.37
C ILE A 395 20.50 7.78 -1.41
N VAL A 396 20.73 9.11 -1.37
N VAL A 396 20.71 9.11 -1.37
CA VAL A 396 19.95 9.99 -0.52
CA VAL A 396 19.91 9.92 -0.45
C VAL A 396 18.47 9.91 -0.86
C VAL A 396 18.45 9.92 -0.86
N LEU A 397 18.15 9.88 -2.16
CA LEU A 397 16.77 9.79 -2.59
C LEU A 397 16.12 8.51 -2.10
N ALA A 398 16.81 7.38 -2.25
CA ALA A 398 16.27 6.11 -1.76
C ALA A 398 15.99 6.19 -0.27
N HIS A 399 16.91 6.76 0.50
CA HIS A 399 16.71 6.84 1.94
C HIS A 399 15.58 7.79 2.31
N THR A 400 15.35 8.82 1.49
N THR A 400 15.34 8.83 1.50
CA THR A 400 14.27 9.76 1.78
CA THR A 400 14.25 9.76 1.82
C THR A 400 12.90 9.09 1.77
C THR A 400 12.89 9.09 1.78
N ASN A 401 12.78 7.92 1.12
CA ASN A 401 11.51 7.21 1.14
C ASN A 401 11.11 6.85 2.56
N SER A 402 12.10 6.67 3.44
CA SER A 402 11.79 6.37 4.83
C SER A 402 11.26 7.59 5.60
N VAL A 403 11.15 8.75 4.96
CA VAL A 403 10.64 9.95 5.61
C VAL A 403 9.22 10.28 5.18
N VAL A 404 8.80 9.83 3.99
CA VAL A 404 7.61 10.40 3.37
C VAL A 404 6.31 9.78 3.88
N ASN A 405 6.32 8.50 4.26
CA ASN A 405 5.06 7.85 4.61
C ASN A 405 4.29 8.55 5.72
N PRO A 406 4.90 8.96 6.83
CA PRO A 406 4.13 9.68 7.86
C PRO A 406 3.41 10.91 7.32
N PHE A 407 3.97 11.61 6.34
CA PHE A 407 3.28 12.76 5.78
C PHE A 407 2.07 12.35 4.95
N ILE A 408 2.19 11.25 4.21
CA ILE A 408 1.06 10.77 3.44
C ILE A 408 -0.11 10.41 4.36
N TYR A 409 0.18 9.71 5.47
CA TYR A 409 -0.87 9.38 6.42
C TYR A 409 -1.52 10.63 6.99
N ALA A 410 -0.71 11.62 7.37
CA ALA A 410 -1.25 12.83 7.98
C ALA A 410 -2.08 13.64 6.99
N TYR A 411 -1.69 13.65 5.72
CA TYR A 411 -2.41 14.46 4.74
C TYR A 411 -3.67 13.78 4.23
N ARG A 412 -3.70 12.44 4.21
CA ARG A 412 -4.79 11.71 3.55
C ARG A 412 -5.67 10.92 4.50
N ILE A 413 -5.26 10.68 5.74
CA ILE A 413 -6.02 9.87 6.67
C ILE A 413 -6.30 10.72 7.90
N ARG A 414 -7.58 11.08 8.10
CA ARG A 414 -7.94 11.98 9.19
C ARG A 414 -7.64 11.36 10.55
N GLU A 415 -7.92 10.06 10.72
CA GLU A 415 -7.70 9.43 12.01
C GLU A 415 -6.22 9.50 12.40
N PHE A 416 -5.31 9.32 11.44
CA PHE A 416 -3.90 9.50 11.72
C PHE A 416 -3.58 10.96 12.01
N ARG A 417 -4.10 11.87 11.17
CA ARG A 417 -3.84 13.30 11.37
C ARG A 417 -4.26 13.74 12.76
N GLN A 418 -5.47 13.38 13.17
CA GLN A 418 -5.96 13.80 14.48
C GLN A 418 -5.14 13.19 15.61
N THR A 419 -4.74 11.92 15.47
CA THR A 419 -3.93 11.29 16.51
C THR A 419 -2.55 11.93 16.58
N PHE A 420 -1.98 12.29 15.44
CA PHE A 420 -0.69 12.96 15.43
C PHE A 420 -0.74 14.26 16.22
N ARG A 421 -1.82 15.03 16.07
CA ARG A 421 -1.96 16.28 16.80
C ARG A 421 -2.02 16.03 18.30
N LYS A 422 -2.87 15.09 18.74
CA LYS A 422 -2.97 14.77 20.15
C LYS A 422 -1.60 14.45 20.73
N ILE A 423 -0.85 13.58 20.06
CA ILE A 423 0.48 13.20 20.54
C ILE A 423 1.39 14.42 20.63
N ILE A 424 1.37 15.24 19.58
CA ILE A 424 2.27 16.40 19.54
C ILE A 424 1.89 17.42 20.60
N ARG A 425 0.61 17.80 20.63
CA ARG A 425 0.17 18.83 21.57
C ARG A 425 0.37 18.41 23.02
N SER A 426 0.31 17.10 23.30
CA SER A 426 0.32 16.61 24.68
C SER A 426 1.71 16.22 25.16
N HIS A 427 2.63 15.89 24.25
CA HIS A 427 3.95 15.40 24.63
C HIS A 427 5.09 16.22 24.06
N VAL A 428 4.98 16.69 22.82
CA VAL A 428 6.04 17.50 22.24
C VAL A 428 5.92 18.95 22.67
N LEU A 429 4.71 19.51 22.56
CA LEU A 429 4.47 20.91 22.91
C LEU A 429 4.00 21.02 24.36
#